data_5W6T
#
_entry.id   5W6T
#
_cell.length_a   164.331
_cell.length_b   164.331
_cell.length_c   164.331
_cell.angle_alpha   90.00
_cell.angle_beta   90.00
_cell.angle_gamma   90.00
#
_symmetry.space_group_name_H-M   'I 21 3'
#
loop_
_entity.id
_entity.type
_entity.pdbx_description
1 polymer Hemagglutinin
2 polymer Hemagglutinin
3 polymer ACE-PH8-ORN-MLE-GLU-TYR-ZCL-GLU-TRP-LEU-SER-9WV
4 branched 2-acetamido-2-deoxy-beta-D-glucopyranose-(1-4)-2-acetamido-2-deoxy-beta-D-glucopyranose
5 non-polymer 2-acetamido-2-deoxy-beta-D-glucopyranose
6 non-polymer GLYCEROL
7 non-polymer 'CHLORIDE ION'
8 water water
#
loop_
_entity_poly.entity_id
_entity_poly.type
_entity_poly.pdbx_seq_one_letter_code
_entity_poly.pdbx_strand_id
1 'polypeptide(L)'
;DTICIGYHANNSTDTVDTVLEKNVTVTHSVNLLEDSHNGKLCRLKGIAPLQLGKCNIAGWLLGNPECDPLLPVRSWSYIV
ETPNSENGICYPGDFIDYEELREQLSSVSSFERFEIFPKESSWPNHNTNGVTAACSHEGKSSFYRNLLWLTEKEGSYPKL
KNSYVNKKGKEVLVLWGIHHPPNSKEQQNLYQNENAYVSVVTSNYNRRFTPEIAERPKVRDQAGRMNYYWTLLKPGDTII
FEANGNLIAPMYAFALSRGFGSGIITSNASMHECNTKCQTPLGAINSSLPYQNIHPVTIGECPKYVRSAKLRMVTGLRNI
PSIQSR
;
A
2 'polypeptide(L)'
;GLFGAIAGFIEGGWTGMIDGWYGYHHQNEQGSGYAADQKSTQNAINGITNKVNTVIEKMNIQFTAVGKEFNKLEKRMENL
NKKVDDGFLDIWTYNAELLVLLENERTLDFHDSNVKNLYEKVKSQLKNNAKEIGNGCFEFYHKCDNECMESVRNGTYDYP
KYSEESKLNREKVDGV
;
B
3 'polypeptide(L)' (ACE)(PH8)(ORN)(MLE)EY(ZCL)EWLS(9WV) F
#
loop_
_chem_comp.id
_chem_comp.type
_chem_comp.name
_chem_comp.formula
ACE non-polymer 'ACETYL GROUP' 'C2 H4 O'
CL non-polymer 'CHLORIDE ION' 'Cl -1'
GOL non-polymer GLYCEROL 'C3 H8 O3'
NAG D-saccharide, beta linking 2-acetamido-2-deoxy-beta-D-glucopyranose 'C8 H15 N O6'
#
# COMPACT_ATOMS: atom_id res chain seq x y z
N ASP A 1 -15.05 -45.41 38.41
CA ASP A 1 -14.22 -44.22 38.36
C ASP A 1 -13.47 -44.14 37.05
N THR A 2 -13.54 -42.98 36.40
CA THR A 2 -13.02 -42.79 35.05
C THR A 2 -12.36 -41.43 34.90
N ILE A 3 -11.34 -41.38 34.05
CA ILE A 3 -10.80 -40.12 33.56
C ILE A 3 -10.68 -40.20 32.06
N CYS A 4 -10.90 -39.06 31.40
CA CYS A 4 -10.89 -38.95 29.95
C CYS A 4 -9.96 -37.84 29.50
N ILE A 5 -9.35 -38.04 28.34
CA ILE A 5 -8.53 -37.02 27.68
C ILE A 5 -9.32 -36.49 26.51
N GLY A 6 -9.35 -35.17 26.38
CA GLY A 6 -10.11 -34.58 25.30
C GLY A 6 -9.55 -33.26 24.81
N TYR A 7 -10.35 -32.55 24.02
CA TYR A 7 -9.86 -31.31 23.45
C TYR A 7 -10.99 -30.31 23.40
N HIS A 8 -10.61 -29.07 23.13
CA HIS A 8 -11.51 -27.94 23.21
C HIS A 8 -12.41 -27.84 21.98
N ALA A 9 -13.64 -27.41 22.22
CA ALA A 9 -14.59 -27.01 21.18
C ALA A 9 -15.22 -25.71 21.65
N ASN A 10 -15.98 -25.05 20.76
CA ASN A 10 -16.67 -23.84 21.15
C ASN A 10 -17.69 -23.41 20.10
N ASN A 11 -18.09 -22.15 20.13
CA ASN A 11 -19.16 -21.68 19.26
C ASN A 11 -18.64 -20.89 18.06
N SER A 12 -17.35 -21.01 17.73
CA SER A 12 -16.78 -20.31 16.57
C SER A 12 -17.20 -20.98 15.27
N THR A 13 -17.51 -20.14 14.27
CA THR A 13 -17.87 -20.61 12.95
C THR A 13 -16.81 -20.24 11.91
N ASP A 14 -15.58 -19.99 12.35
CA ASP A 14 -14.51 -19.67 11.43
C ASP A 14 -14.18 -20.88 10.59
N THR A 15 -13.91 -20.63 9.32
CA THR A 15 -13.51 -21.67 8.40
C THR A 15 -12.17 -21.30 7.81
N VAL A 16 -11.37 -22.33 7.53
CA VAL A 16 -10.10 -22.18 6.86
C VAL A 16 -9.98 -23.28 5.82
N ASP A 17 -9.09 -23.04 4.87
CA ASP A 17 -8.76 -24.02 3.87
C ASP A 17 -7.40 -24.61 4.20
N THR A 18 -7.24 -25.87 3.87
CA THR A 18 -5.97 -26.58 3.96
C THR A 18 -5.70 -27.20 2.59
N VAL A 19 -4.62 -27.98 2.51
CA VAL A 19 -4.28 -28.66 1.28
C VAL A 19 -5.22 -29.82 1.02
N LEU A 20 -5.50 -30.62 2.04
CA LEU A 20 -6.28 -31.83 1.84
C LEU A 20 -7.77 -31.59 1.90
N GLU A 21 -8.20 -30.46 2.45
CA GLU A 21 -9.60 -30.27 2.76
C GLU A 21 -9.91 -28.79 2.83
N LYS A 22 -10.98 -28.40 2.16
CA LYS A 22 -11.46 -27.03 2.16
C LYS A 22 -12.53 -26.85 3.22
N ASN A 23 -12.62 -25.64 3.74
CA ASN A 23 -13.80 -25.16 4.45
C ASN A 23 -13.95 -25.84 5.82
N VAL A 24 -12.85 -25.94 6.55
CA VAL A 24 -12.83 -26.61 7.84
C VAL A 24 -13.19 -25.61 8.93
N THR A 25 -14.21 -25.92 9.71
CA THR A 25 -14.58 -25.06 10.82
C THR A 25 -13.65 -25.30 11.99
N VAL A 26 -13.13 -24.23 12.57
CA VAL A 26 -12.11 -24.33 13.60
C VAL A 26 -12.46 -23.39 14.74
N THR A 27 -11.74 -23.55 15.84
CA THR A 27 -12.12 -22.86 17.06
C THR A 27 -11.48 -21.49 17.20
N HIS A 28 -10.25 -21.31 16.70
CA HIS A 28 -9.51 -20.07 16.85
C HIS A 28 -8.74 -19.78 15.56
N SER A 29 -8.72 -18.53 15.12
CA SER A 29 -8.09 -18.26 13.84
C SER A 29 -7.61 -16.81 13.77
N VAL A 30 -6.85 -16.53 12.73
CA VAL A 30 -6.27 -15.21 12.51
C VAL A 30 -6.42 -14.82 11.06
N ASN A 31 -6.85 -13.60 10.83
CA ASN A 31 -7.00 -13.07 9.49
C ASN A 31 -5.76 -12.27 9.13
N LEU A 32 -5.22 -12.55 7.95
CA LEU A 32 -4.00 -11.91 7.51
C LEU A 32 -4.25 -10.93 6.38
N LEU A 33 -5.47 -10.85 5.89
CA LEU A 33 -5.81 -10.11 4.70
C LEU A 33 -6.72 -8.94 5.09
N GLU A 34 -6.21 -7.74 4.95
CA GLU A 34 -7.03 -6.56 5.16
C GLU A 34 -7.78 -6.22 3.89
N ASP A 35 -9.10 -6.04 4.02
CA ASP A 35 -9.96 -5.76 2.88
C ASP A 35 -10.85 -4.52 3.07
N SER A 36 -10.63 -3.73 4.10
CA SER A 36 -11.49 -2.62 4.43
C SER A 36 -10.71 -1.32 4.25
N HIS A 37 -11.40 -0.28 3.80
CA HIS A 37 -10.85 1.07 3.77
C HIS A 37 -11.94 2.06 4.15
N ASN A 38 -11.54 3.30 4.42
CA ASN A 38 -12.44 4.31 4.97
C ASN A 38 -13.02 5.26 3.94
N GLY A 39 -12.69 5.10 2.67
CA GLY A 39 -13.28 5.93 1.63
C GLY A 39 -12.79 7.35 1.55
N LYS A 40 -11.76 7.73 2.29
CA LYS A 40 -11.36 9.12 2.40
C LYS A 40 -9.91 9.29 1.96
N LEU A 41 -9.60 10.50 1.51
CA LEU A 41 -8.20 10.91 1.41
C LEU A 41 -7.79 11.51 2.75
N CYS A 42 -6.66 11.04 3.28
CA CYS A 42 -6.26 11.30 4.64
C CYS A 42 -4.87 11.91 4.63
N ARG A 43 -4.47 12.50 5.76
CA ARG A 43 -3.08 12.91 5.88
C ARG A 43 -2.22 11.66 5.99
N LEU A 44 -0.97 11.78 5.62
CA LEU A 44 -0.05 10.66 5.67
C LEU A 44 1.06 11.03 6.62
N LYS A 45 1.13 10.32 7.76
CA LYS A 45 2.09 10.63 8.79
C LYS A 45 2.04 12.10 9.16
N GLY A 46 0.83 12.64 9.17
CA GLY A 46 0.63 14.00 9.62
C GLY A 46 0.71 15.05 8.54
N ILE A 47 0.98 14.69 7.30
CA ILE A 47 1.20 15.66 6.24
C ILE A 47 0.13 15.50 5.18
N ALA A 48 -0.49 16.61 4.81
CA ALA A 48 -1.61 16.60 3.89
C ALA A 48 -1.12 16.41 2.46
N PRO A 49 -1.95 15.84 1.60
CA PRO A 49 -1.62 15.78 0.17
C PRO A 49 -1.72 17.13 -0.53
N LEU A 50 -1.18 17.15 -1.73
CA LEU A 50 -1.34 18.27 -2.65
C LEU A 50 -2.42 17.89 -3.64
N GLN A 51 -3.59 18.52 -3.52
CA GLN A 51 -4.73 18.28 -4.39
C GLN A 51 -4.75 19.34 -5.49
N LEU A 52 -4.77 18.89 -6.74
CA LEU A 52 -4.65 19.77 -7.89
C LEU A 52 -6.00 20.23 -8.42
N GLY A 53 -7.11 19.81 -7.81
CA GLY A 53 -8.41 20.38 -8.15
C GLY A 53 -8.86 20.03 -9.54
N LYS A 54 -9.09 21.06 -10.36
CA LYS A 54 -9.49 20.85 -11.74
C LYS A 54 -8.33 20.68 -12.69
N CYS A 55 -7.09 20.84 -12.23
CA CYS A 55 -5.90 20.75 -13.06
C CYS A 55 -5.33 19.36 -13.03
N ASN A 56 -4.48 19.07 -13.99
CA ASN A 56 -3.55 17.97 -13.90
C ASN A 56 -2.16 18.53 -13.60
N ILE A 57 -1.14 17.68 -13.64
CA ILE A 57 0.21 18.18 -13.40
C ILE A 57 0.55 19.30 -14.40
N ALA A 58 0.32 19.04 -15.68
CA ALA A 58 0.67 20.01 -16.70
C ALA A 58 -0.03 21.35 -16.47
N GLY A 59 -1.28 21.33 -16.02
CA GLY A 59 -2.00 22.58 -15.87
C GLY A 59 -1.57 23.37 -14.66
N TRP A 60 -1.16 22.71 -13.59
CA TRP A 60 -0.64 23.41 -12.42
C TRP A 60 0.73 24.02 -12.69
N LEU A 61 1.58 23.33 -13.45
CA LEU A 61 2.93 23.83 -13.66
C LEU A 61 2.95 25.01 -14.61
N LEU A 62 2.11 24.97 -15.65
CA LEU A 62 2.10 26.03 -16.62
C LEU A 62 1.31 27.23 -16.14
N GLY A 63 0.49 27.06 -15.10
CA GLY A 63 -0.33 28.15 -14.59
C GLY A 63 -1.66 28.36 -15.28
N ASN A 64 -2.34 27.27 -15.65
CA ASN A 64 -3.62 27.37 -16.34
C ASN A 64 -4.60 28.26 -15.57
N PRO A 65 -5.15 29.30 -16.20
CA PRO A 65 -5.97 30.28 -15.45
C PRO A 65 -7.25 29.72 -14.87
N GLU A 66 -7.74 28.57 -15.35
CA GLU A 66 -9.01 28.04 -14.87
C GLU A 66 -8.90 27.42 -13.50
N CYS A 67 -7.71 26.95 -13.14
CA CYS A 67 -7.48 26.30 -11.87
C CYS A 67 -7.26 27.36 -10.81
N ASP A 68 -7.83 27.13 -9.64
CA ASP A 68 -7.67 28.05 -8.55
C ASP A 68 -6.19 28.12 -8.18
N PRO A 69 -5.64 29.31 -7.94
CA PRO A 69 -4.22 29.39 -7.61
C PRO A 69 -3.93 28.82 -6.23
N LEU A 70 -2.75 28.27 -6.08
CA LEU A 70 -2.33 27.74 -4.80
C LEU A 70 -1.50 28.77 -4.06
N LEU A 71 -1.43 28.59 -2.75
CA LEU A 71 -0.48 29.32 -1.93
C LEU A 71 0.92 29.22 -2.51
N PRO A 72 1.77 30.23 -2.33
CA PRO A 72 3.05 30.24 -3.03
C PRO A 72 4.02 29.17 -2.57
N VAL A 73 3.74 28.51 -1.45
CA VAL A 73 4.60 27.48 -0.88
C VAL A 73 3.72 26.35 -0.37
N ARG A 74 3.99 25.12 -0.81
CA ARG A 74 3.21 23.98 -0.34
C ARG A 74 4.14 22.83 -0.01
N SER A 75 3.74 22.05 0.99
CA SER A 75 4.42 20.83 1.35
C SER A 75 3.38 19.72 1.38
N TRP A 76 3.78 18.53 0.98
CA TRP A 76 2.80 17.48 0.86
C TRP A 76 3.47 16.12 1.02
N SER A 77 2.64 15.13 1.27
CA SER A 77 3.05 13.74 1.34
C SER A 77 2.75 12.94 0.07
N TYR A 78 1.78 13.37 -0.73
CA TYR A 78 1.49 12.73 -2.01
C TYR A 78 0.59 13.67 -2.78
N ILE A 79 0.54 13.50 -4.09
CA ILE A 79 -0.19 14.39 -4.99
C ILE A 79 -1.40 13.66 -5.56
N VAL A 80 -2.53 14.35 -5.61
CA VAL A 80 -3.77 13.75 -6.08
C VAL A 80 -4.26 14.50 -7.31
N GLU A 81 -4.32 13.79 -8.43
CA GLU A 81 -5.04 14.23 -9.62
C GLU A 81 -6.43 13.61 -9.66
N THR A 82 -7.36 14.38 -10.04
CA THR A 82 -8.70 13.86 -10.24
C THR A 82 -8.80 13.19 -11.61
N PRO A 83 -9.64 12.16 -11.73
CA PRO A 83 -9.70 11.43 -13.02
C PRO A 83 -10.16 12.30 -14.18
N ASN A 84 -11.09 13.21 -13.91
CA ASN A 84 -11.65 14.07 -14.95
C ASN A 84 -10.98 15.46 -14.91
N SER A 85 -9.67 15.45 -15.14
CA SER A 85 -8.91 16.71 -15.17
C SER A 85 -9.24 17.38 -16.50
N GLU A 86 -10.14 18.36 -16.47
CA GLU A 86 -10.46 19.04 -17.72
C GLU A 86 -9.45 20.12 -18.06
N ASN A 87 -8.77 20.71 -17.06
CA ASN A 87 -7.83 21.81 -17.27
C ASN A 87 -6.38 21.32 -17.25
N GLY A 88 -5.72 21.35 -18.39
CA GLY A 88 -4.32 21.00 -18.47
C GLY A 88 -3.57 21.93 -19.39
N ILE A 89 -3.07 21.39 -20.50
CA ILE A 89 -2.50 22.23 -21.55
C ILE A 89 -3.65 22.88 -22.30
N CYS A 90 -3.74 24.21 -22.23
CA CYS A 90 -4.84 24.86 -22.93
C CYS A 90 -4.44 25.38 -24.30
N TYR A 91 -3.19 25.73 -24.52
CA TYR A 91 -2.79 26.06 -25.88
C TYR A 91 -2.09 24.86 -26.49
N PRO A 92 -2.58 24.34 -27.61
CA PRO A 92 -2.18 22.99 -28.04
C PRO A 92 -0.71 22.90 -28.41
N GLY A 93 -0.15 21.72 -28.22
CA GLY A 93 1.24 21.49 -28.51
C GLY A 93 1.74 20.36 -27.66
N ASP A 94 3.05 20.16 -27.69
CA ASP A 94 3.66 19.03 -27.01
C ASP A 94 4.47 19.48 -25.80
N PHE A 95 4.26 18.80 -24.68
CA PHE A 95 5.03 18.98 -23.45
C PHE A 95 6.20 18.00 -23.47
N ILE A 96 7.40 18.50 -23.62
CA ILE A 96 8.53 17.64 -23.92
C ILE A 96 9.08 17.01 -22.65
N ASP A 97 9.20 15.68 -22.66
CA ASP A 97 9.65 14.91 -21.51
C ASP A 97 8.71 15.16 -20.34
N TYR A 98 7.42 15.25 -20.66
CA TYR A 98 6.41 15.41 -19.64
C TYR A 98 6.44 14.25 -18.64
N GLU A 99 6.58 13.02 -19.14
CA GLU A 99 6.51 11.86 -18.28
C GLU A 99 7.69 11.78 -17.30
N GLU A 100 8.87 12.21 -17.74
CA GLU A 100 10.02 12.29 -16.84
C GLU A 100 9.86 13.38 -15.80
N LEU A 101 9.12 14.44 -16.11
CA LEU A 101 8.89 15.47 -15.12
C LEU A 101 7.97 14.96 -14.03
N ARG A 102 6.91 14.24 -14.41
CA ARG A 102 6.04 13.60 -13.43
C ARG A 102 6.85 12.73 -12.48
N GLU A 103 7.73 11.90 -13.05
CA GLU A 103 8.58 11.07 -12.23
C GLU A 103 9.46 11.89 -11.31
N GLN A 104 10.01 13.02 -11.78
CA GLN A 104 10.75 13.87 -10.87
C GLN A 104 9.85 14.38 -9.73
N LEU A 105 8.64 14.82 -10.06
CA LEU A 105 7.76 15.41 -9.05
C LEU A 105 7.28 14.36 -8.04
N SER A 106 7.43 13.09 -8.35
CA SER A 106 7.06 12.01 -7.45
C SER A 106 8.01 11.90 -6.27
N SER A 107 9.16 12.55 -6.31
CA SER A 107 10.04 12.58 -5.16
C SER A 107 10.24 13.99 -4.63
N VAL A 108 9.49 14.95 -5.11
CA VAL A 108 9.49 16.28 -4.54
C VAL A 108 8.54 16.32 -3.35
N SER A 109 8.96 16.98 -2.29
CA SER A 109 8.11 17.15 -1.14
C SER A 109 7.55 18.57 -0.98
N SER A 110 8.14 19.56 -1.65
CA SER A 110 7.74 20.93 -1.40
C SER A 110 8.04 21.78 -2.63
N PHE A 111 7.25 22.84 -2.81
CA PHE A 111 7.59 23.85 -3.80
C PHE A 111 7.47 25.25 -3.19
N GLU A 112 8.19 26.19 -3.80
CA GLU A 112 8.05 27.61 -3.55
C GLU A 112 7.94 28.29 -4.89
N ARG A 113 6.75 28.75 -5.25
CA ARG A 113 6.52 29.47 -6.49
C ARG A 113 7.11 30.87 -6.37
N PHE A 114 7.98 31.28 -7.29
CA PHE A 114 8.54 32.62 -7.20
C PHE A 114 8.71 33.24 -8.57
N GLU A 115 8.68 34.57 -8.61
CA GLU A 115 8.85 35.32 -9.84
C GLU A 115 10.33 35.30 -10.23
N ILE A 116 10.68 34.44 -11.18
CA ILE A 116 12.05 34.34 -11.62
C ILE A 116 12.41 35.50 -12.55
N PHE A 117 11.45 35.95 -13.35
CA PHE A 117 11.64 37.04 -14.30
C PHE A 117 10.45 37.96 -14.17
N PRO A 118 10.56 38.98 -13.35
CA PRO A 118 9.47 39.91 -13.16
C PRO A 118 8.97 40.39 -14.48
N LYS A 119 7.65 40.46 -14.61
CA LYS A 119 6.98 40.84 -15.82
C LYS A 119 7.44 42.11 -16.48
N GLU A 120 7.11 43.23 -15.89
CA GLU A 120 7.47 44.49 -16.46
C GLU A 120 8.84 44.88 -16.00
N SER A 121 9.86 44.26 -16.56
CA SER A 121 11.20 44.57 -16.14
C SER A 121 12.24 43.69 -16.76
N SER A 122 11.84 42.54 -17.26
CA SER A 122 12.79 41.61 -17.79
C SER A 122 12.90 41.57 -19.29
N TRP A 123 11.90 42.05 -19.95
CA TRP A 123 11.90 42.07 -21.42
C TRP A 123 11.57 43.48 -21.88
N PRO A 124 12.49 44.41 -21.74
CA PRO A 124 12.25 45.76 -22.26
C PRO A 124 12.22 45.75 -23.78
N ASN A 125 11.42 46.67 -24.33
CA ASN A 125 11.19 46.80 -25.77
C ASN A 125 10.43 45.62 -26.37
N HIS A 126 9.67 44.88 -25.55
CA HIS A 126 8.83 43.80 -26.05
C HIS A 126 7.46 43.89 -25.38
N ASN A 127 6.45 43.48 -26.11
CA ASN A 127 5.11 43.43 -25.54
C ASN A 127 4.95 42.14 -24.75
N THR A 128 4.31 42.25 -23.58
CA THR A 128 4.10 41.10 -22.71
C THR A 128 2.63 40.79 -22.48
N ASN A 129 1.74 41.46 -23.19
CA ASN A 129 0.31 41.41 -22.88
C ASN A 129 -0.46 40.38 -23.71
N GLY A 130 0.22 39.56 -24.51
CA GLY A 130 -0.46 38.56 -25.33
C GLY A 130 -1.30 37.57 -24.56
N VAL A 131 -2.48 37.25 -25.09
CA VAL A 131 -3.42 36.30 -24.52
C VAL A 131 -4.03 35.50 -25.66
N THR A 132 -4.85 34.52 -25.31
CA THR A 132 -5.47 33.69 -26.33
C THR A 132 -6.79 33.17 -25.80
N ALA A 133 -7.66 32.77 -26.72
CA ALA A 133 -8.98 32.26 -26.35
C ALA A 133 -8.96 30.80 -25.97
N ALA A 134 -7.97 30.04 -26.44
CA ALA A 134 -7.77 28.67 -25.97
C ALA A 134 -7.49 28.62 -24.47
N CYS A 135 -6.89 29.67 -23.90
CA CYS A 135 -6.67 29.71 -22.47
C CYS A 135 -7.55 30.77 -21.82
N SER A 136 -8.86 30.56 -21.86
CA SER A 136 -9.77 31.59 -21.39
C SER A 136 -9.99 31.46 -19.89
N HIS A 137 -10.46 32.56 -19.30
CA HIS A 137 -10.77 32.61 -17.88
C HIS A 137 -11.85 33.64 -17.64
N GLU A 138 -12.94 33.22 -17.02
CA GLU A 138 -14.12 34.07 -16.85
C GLU A 138 -14.57 34.63 -18.20
N GLY A 139 -14.48 33.81 -19.24
CA GLY A 139 -14.96 34.23 -20.54
C GLY A 139 -13.94 35.00 -21.36
N LYS A 140 -13.14 35.83 -20.70
CA LYS A 140 -12.13 36.61 -21.41
C LYS A 140 -10.92 35.75 -21.80
N SER A 141 -10.27 36.14 -22.89
CA SER A 141 -9.03 35.51 -23.28
C SER A 141 -7.96 35.79 -22.23
N SER A 142 -7.10 34.81 -21.99
CA SER A 142 -6.14 34.93 -20.90
C SER A 142 -4.87 34.20 -21.32
N PHE A 143 -4.05 33.87 -20.33
CA PHE A 143 -2.83 33.14 -20.60
C PHE A 143 -2.35 32.49 -19.33
N TYR A 144 -1.40 31.57 -19.50
CA TYR A 144 -0.74 30.89 -18.39
C TYR A 144 -0.21 31.89 -17.36
N ARG A 145 -0.49 31.62 -16.09
CA ARG A 145 0.03 32.49 -15.04
C ARG A 145 1.54 32.42 -14.90
N ASN A 146 2.17 31.32 -15.26
CA ASN A 146 3.61 31.16 -15.03
C ASN A 146 4.45 31.54 -16.23
N LEU A 147 3.85 31.74 -17.39
CA LEU A 147 4.57 32.09 -18.60
C LEU A 147 4.07 33.43 -19.11
N LEU A 148 4.72 33.91 -20.17
CA LEU A 148 4.49 35.24 -20.70
C LEU A 148 4.72 35.20 -22.21
N TRP A 149 3.70 35.58 -22.98
CA TRP A 149 3.77 35.63 -24.44
C TRP A 149 4.42 36.94 -24.87
N LEU A 150 5.70 36.89 -25.16
CA LEU A 150 6.42 38.08 -25.62
C LEU A 150 6.17 38.29 -27.10
N THR A 151 5.74 39.50 -27.47
CA THR A 151 5.50 39.82 -28.86
C THR A 151 6.26 41.07 -29.26
N GLU A 152 6.11 41.43 -30.53
CA GLU A 152 6.77 42.62 -31.08
C GLU A 152 6.16 43.87 -30.47
N LYS A 153 6.98 44.92 -30.40
CA LYS A 153 6.54 46.21 -29.87
C LYS A 153 7.02 47.32 -30.78
N GLU A 154 6.08 48.21 -31.14
CA GLU A 154 6.35 49.29 -32.09
C GLU A 154 7.00 48.76 -33.36
N GLY A 155 6.49 47.64 -33.86
CA GLY A 155 6.96 47.10 -35.11
C GLY A 155 8.36 46.54 -35.11
N SER A 156 8.93 46.25 -33.93
CA SER A 156 10.19 45.54 -33.90
C SER A 156 10.16 44.48 -32.80
N TYR A 157 11.02 43.49 -32.96
CA TYR A 157 11.28 42.49 -31.94
C TYR A 157 12.79 42.45 -31.81
N PRO A 158 13.36 43.23 -30.89
CA PRO A 158 14.81 43.18 -30.66
C PRO A 158 15.24 41.87 -30.01
N LYS A 159 16.48 41.48 -30.32
CA LYS A 159 17.08 40.32 -29.67
C LYS A 159 17.20 40.56 -28.17
N LEU A 160 16.69 39.63 -27.38
CA LEU A 160 16.71 39.73 -25.94
C LEU A 160 17.75 38.75 -25.37
N LYS A 161 18.20 39.04 -24.15
CA LYS A 161 19.12 38.13 -23.48
C LYS A 161 18.97 38.35 -21.99
N ASN A 162 18.33 37.42 -21.31
CA ASN A 162 18.19 37.53 -19.88
C ASN A 162 18.63 36.23 -19.22
N SER A 163 18.91 36.32 -17.92
CA SER A 163 19.44 35.17 -17.21
C SER A 163 19.12 35.28 -15.73
N TYR A 164 19.11 34.13 -15.08
CA TYR A 164 18.78 34.01 -13.66
C TYR A 164 19.80 33.11 -12.98
N VAL A 165 20.37 33.58 -11.88
CA VAL A 165 21.30 32.83 -11.04
C VAL A 165 20.53 32.29 -9.84
N ASN A 166 20.61 30.99 -9.61
CA ASN A 166 19.83 30.32 -8.59
C ASN A 166 20.56 30.41 -7.26
N LYS A 167 20.06 31.29 -6.37
CA LYS A 167 20.55 31.39 -5.01
C LYS A 167 19.51 30.86 -4.02
N LYS A 168 18.60 30.02 -4.48
CA LYS A 168 17.60 29.47 -3.59
C LYS A 168 18.13 28.31 -2.77
N GLY A 169 19.32 27.78 -3.08
CA GLY A 169 19.84 26.64 -2.34
C GLY A 169 19.04 25.37 -2.52
N LYS A 170 18.22 25.28 -3.56
CA LYS A 170 17.44 24.12 -3.91
C LYS A 170 17.31 24.13 -5.42
N GLU A 171 17.11 22.96 -6.02
CA GLU A 171 16.79 22.91 -7.43
C GLU A 171 15.66 23.87 -7.73
N VAL A 172 15.77 24.56 -8.86
CA VAL A 172 14.72 25.40 -9.39
C VAL A 172 14.22 24.74 -10.66
N LEU A 173 12.91 24.59 -10.77
CA LEU A 173 12.28 24.07 -11.96
C LEU A 173 11.84 25.24 -12.84
N VAL A 174 12.47 25.40 -13.99
CA VAL A 174 12.17 26.47 -14.93
C VAL A 174 11.38 25.85 -16.07
N LEU A 175 10.26 26.46 -16.43
CA LEU A 175 9.47 26.05 -17.57
C LEU A 175 9.38 27.19 -18.57
N TRP A 176 9.40 26.86 -19.85
CA TRP A 176 9.12 27.84 -20.89
C TRP A 176 8.43 27.14 -22.03
N GLY A 177 7.96 27.93 -22.99
CA GLY A 177 7.34 27.40 -24.18
C GLY A 177 7.95 28.03 -25.44
N ILE A 178 7.60 27.44 -26.57
CA ILE A 178 7.98 27.94 -27.90
C ILE A 178 6.75 27.92 -28.78
N HIS A 179 6.44 29.04 -29.39
CA HIS A 179 5.27 29.16 -30.24
C HIS A 179 5.58 28.78 -31.67
N HIS A 180 4.64 28.14 -32.33
CA HIS A 180 4.76 27.78 -33.75
C HIS A 180 3.55 28.31 -34.49
N PRO A 181 3.68 29.40 -35.24
CA PRO A 181 2.54 29.95 -35.96
C PRO A 181 2.22 29.10 -37.20
N PRO A 182 1.00 29.25 -37.72
CA PRO A 182 0.63 28.44 -38.89
C PRO A 182 1.09 29.01 -40.22
N ASN A 183 1.48 30.28 -40.27
CA ASN A 183 1.90 30.88 -41.53
C ASN A 183 2.90 31.99 -41.27
N SER A 184 3.74 32.25 -42.26
CA SER A 184 4.80 33.23 -42.10
C SER A 184 4.26 34.66 -41.96
N LYS A 185 3.01 34.91 -42.35
CA LYS A 185 2.42 36.22 -42.12
C LYS A 185 2.29 36.48 -40.61
N GLU A 186 1.71 35.54 -39.88
CA GLU A 186 1.56 35.70 -38.44
C GLU A 186 2.91 35.67 -37.72
N GLN A 187 3.86 34.90 -38.24
CA GLN A 187 5.23 34.94 -37.73
C GLN A 187 5.82 36.33 -37.83
N GLN A 188 5.60 37.02 -38.95
CA GLN A 188 6.06 38.39 -39.05
C GLN A 188 5.25 39.33 -38.16
N ASN A 189 3.94 39.19 -38.14
CA ASN A 189 3.13 40.13 -37.39
C ASN A 189 3.38 40.05 -35.89
N LEU A 190 3.95 38.94 -35.41
CA LEU A 190 4.18 38.74 -33.99
C LEU A 190 5.61 38.90 -33.57
N TYR A 191 6.56 38.44 -34.38
CA TYR A 191 7.97 38.49 -34.00
C TYR A 191 8.86 39.17 -35.03
N GLN A 192 8.29 39.63 -36.15
CA GLN A 192 8.95 40.54 -37.06
C GLN A 192 10.18 39.93 -37.73
N ASN A 193 10.52 38.68 -37.41
CA ASN A 193 11.64 37.99 -38.05
C ASN A 193 11.14 36.62 -38.49
N GLU A 194 11.34 36.29 -39.75
CA GLU A 194 10.98 34.96 -40.22
C GLU A 194 12.02 33.92 -39.83
N ASN A 195 13.27 34.33 -39.57
CA ASN A 195 14.33 33.39 -39.20
C ASN A 195 14.65 33.49 -37.72
N ALA A 196 13.62 33.47 -36.89
CA ALA A 196 13.81 33.64 -35.47
C ALA A 196 14.46 32.41 -34.87
N TYR A 197 14.97 32.57 -33.65
CA TYR A 197 15.50 31.44 -32.91
C TYR A 197 15.42 31.78 -31.43
N VAL A 198 15.41 30.74 -30.61
CA VAL A 198 15.48 30.85 -29.16
C VAL A 198 16.60 29.95 -28.68
N SER A 199 17.35 30.41 -27.70
CA SER A 199 18.44 29.64 -27.13
C SER A 199 18.30 29.66 -25.62
N VAL A 200 18.43 28.50 -25.00
CA VAL A 200 18.31 28.33 -23.56
C VAL A 200 19.48 27.48 -23.12
N VAL A 201 20.29 27.98 -22.19
CA VAL A 201 21.44 27.24 -21.70
C VAL A 201 21.53 27.34 -20.21
N THR A 202 22.09 26.30 -19.60
CA THR A 202 22.63 26.34 -18.26
C THR A 202 24.02 25.74 -18.33
N SER A 203 24.63 25.45 -17.18
CA SER A 203 25.88 24.70 -17.17
C SER A 203 25.78 23.38 -17.94
N ASN A 204 24.65 22.69 -17.82
CA ASN A 204 24.54 21.31 -18.27
C ASN A 204 23.44 21.11 -19.30
N TYR A 205 22.58 22.09 -19.49
CA TYR A 205 21.49 22.03 -20.46
C TYR A 205 21.84 22.92 -21.64
N ASN A 206 21.40 22.51 -22.83
CA ASN A 206 21.82 23.13 -24.09
C ASN A 206 20.82 22.72 -25.15
N ARG A 207 19.95 23.64 -25.56
CA ARG A 207 18.98 23.34 -26.60
C ARG A 207 18.63 24.62 -27.35
N ARG A 208 18.37 24.46 -28.63
CA ARG A 208 18.05 25.59 -29.48
C ARG A 208 16.73 25.30 -30.19
N PHE A 209 15.92 26.34 -30.37
CA PHE A 209 14.58 26.17 -30.88
C PHE A 209 14.36 27.07 -32.08
N THR A 210 13.66 26.54 -33.07
CA THR A 210 13.40 27.21 -34.33
C THR A 210 11.94 27.15 -34.60
N PRO A 211 11.31 28.24 -35.02
CA PRO A 211 9.93 28.19 -35.47
C PRO A 211 9.80 27.19 -36.61
N GLU A 212 8.75 26.40 -36.56
CA GLU A 212 8.41 25.53 -37.68
C GLU A 212 7.01 25.94 -38.12
N ILE A 213 6.94 26.65 -39.22
CA ILE A 213 5.67 27.18 -39.72
C ILE A 213 5.01 26.13 -40.61
N ALA A 214 3.77 25.79 -40.27
CA ALA A 214 2.95 25.00 -41.17
C ALA A 214 1.51 25.07 -40.69
N GLU A 215 0.57 25.02 -41.64
CA GLU A 215 -0.83 24.93 -41.29
C GLU A 215 -1.08 23.62 -40.56
N ARG A 216 -1.83 23.66 -39.47
CA ARG A 216 -2.14 22.42 -38.76
C ARG A 216 -3.63 22.31 -38.49
N PRO A 217 -4.16 21.09 -38.46
CA PRO A 217 -5.59 20.93 -38.14
C PRO A 217 -5.90 21.57 -36.80
N LYS A 218 -7.01 22.29 -36.76
CA LYS A 218 -7.29 23.10 -35.58
C LYS A 218 -7.48 22.20 -34.37
N VAL A 219 -6.90 22.62 -33.25
CA VAL A 219 -7.20 22.06 -31.95
C VAL A 219 -7.52 23.20 -31.01
N ARG A 220 -8.65 23.10 -30.31
CA ARG A 220 -9.13 24.18 -29.46
C ARG A 220 -9.14 25.46 -30.26
N ASP A 221 -9.44 25.33 -31.55
CA ASP A 221 -9.60 26.42 -32.49
C ASP A 221 -8.28 27.13 -32.81
N GLN A 222 -7.18 26.39 -32.84
CA GLN A 222 -5.87 26.96 -33.07
C GLN A 222 -5.16 26.13 -34.13
N ALA A 223 -4.65 26.80 -35.14
CA ALA A 223 -3.92 26.14 -36.21
C ALA A 223 -2.42 26.13 -35.96
N GLY A 224 -1.95 26.91 -34.99
CA GLY A 224 -0.57 26.81 -34.55
C GLY A 224 -0.45 26.00 -33.28
N ARG A 225 0.78 25.90 -32.81
CA ARG A 225 1.11 25.04 -31.70
C ARG A 225 1.99 25.81 -30.73
N MET A 226 2.09 25.27 -29.51
CA MET A 226 3.01 25.79 -28.52
C MET A 226 3.61 24.59 -27.80
N ASN A 227 4.90 24.40 -27.95
CA ASN A 227 5.58 23.34 -27.23
C ASN A 227 6.10 23.88 -25.91
N TYR A 228 6.30 22.98 -24.94
CA TYR A 228 6.67 23.38 -23.60
C TYR A 228 7.88 22.58 -23.13
N TYR A 229 8.80 23.26 -22.47
CA TYR A 229 10.07 22.69 -22.12
C TYR A 229 10.41 23.05 -20.68
N TRP A 230 11.34 22.32 -20.10
CA TRP A 230 11.66 22.49 -18.70
C TRP A 230 13.09 22.04 -18.47
N THR A 231 13.66 22.52 -17.36
CA THR A 231 14.91 21.95 -16.85
C THR A 231 15.00 22.21 -15.35
N LEU A 232 15.83 21.43 -14.70
CA LEU A 232 16.06 21.59 -13.28
C LEU A 232 17.39 22.28 -13.14
N LEU A 233 17.35 23.56 -12.77
CA LEU A 233 18.53 24.39 -12.57
C LEU A 233 19.10 24.15 -11.17
N LYS A 234 20.31 23.60 -11.11
CA LYS A 234 20.96 23.24 -9.87
C LYS A 234 21.33 24.46 -9.03
N PRO A 235 21.46 24.29 -7.71
CA PRO A 235 21.90 25.38 -6.86
C PRO A 235 23.21 26.00 -7.30
N GLY A 236 23.21 27.33 -7.44
CA GLY A 236 24.36 28.11 -7.85
C GLY A 236 24.52 28.30 -9.35
N ASP A 237 23.66 27.70 -10.15
CA ASP A 237 23.84 27.66 -11.59
C ASP A 237 22.98 28.74 -12.23
N THR A 238 23.28 29.04 -13.47
CA THR A 238 22.69 30.15 -14.19
C THR A 238 22.01 29.63 -15.44
N ILE A 239 20.80 30.10 -15.69
CA ILE A 239 20.08 29.80 -16.92
C ILE A 239 19.98 31.07 -17.75
N ILE A 240 20.36 30.98 -19.02
CA ILE A 240 20.38 32.14 -19.91
C ILE A 240 19.34 31.92 -21.00
N PHE A 241 18.47 32.91 -21.18
CA PHE A 241 17.52 32.91 -22.30
C PHE A 241 17.93 33.94 -23.33
N GLU A 242 17.99 33.51 -24.59
CA GLU A 242 18.32 34.39 -25.69
C GLU A 242 17.39 34.08 -26.85
N ALA A 243 16.72 35.10 -27.39
CA ALA A 243 15.81 34.87 -28.51
C ALA A 243 15.55 36.16 -29.26
N ASN A 244 15.17 36.02 -30.53
CA ASN A 244 14.64 37.13 -31.32
C ASN A 244 13.27 36.82 -31.89
N GLY A 245 12.51 36.01 -31.17
CA GLY A 245 11.13 35.73 -31.52
C GLY A 245 10.69 34.42 -30.89
N ASN A 246 9.38 34.24 -30.85
CA ASN A 246 8.72 32.95 -30.65
C ASN A 246 8.86 32.38 -29.25
N LEU A 247 9.50 33.08 -28.32
CA LEU A 247 9.74 32.55 -26.98
C LEU A 247 8.55 32.85 -26.09
N ILE A 248 8.00 31.82 -25.43
CA ILE A 248 7.03 32.02 -24.37
C ILE A 248 7.80 32.00 -23.06
N ALA A 249 8.07 33.17 -22.53
CA ALA A 249 9.09 33.31 -21.50
C ALA A 249 8.62 32.83 -20.13
N PRO A 250 9.56 32.36 -19.31
CA PRO A 250 9.25 32.10 -17.90
C PRO A 250 8.98 33.40 -17.17
N MET A 251 7.96 33.37 -16.35
CA MET A 251 7.73 34.43 -15.37
C MET A 251 7.85 33.93 -13.94
N TYR A 252 7.30 32.76 -13.65
CA TYR A 252 7.33 32.14 -12.34
C TYR A 252 7.96 30.75 -12.45
N ALA A 253 8.75 30.38 -11.45
CA ALA A 253 9.43 29.09 -11.45
C ALA A 253 9.31 28.48 -10.06
N PHE A 254 9.78 27.24 -9.91
CA PHE A 254 9.55 26.48 -8.69
C PHE A 254 10.85 26.00 -8.10
N ALA A 255 11.12 26.44 -6.87
CA ALA A 255 12.18 25.87 -6.06
C ALA A 255 11.64 24.65 -5.35
N LEU A 256 12.40 23.57 -5.40
CA LEU A 256 11.88 22.25 -5.14
C LEU A 256 12.73 21.60 -4.07
N SER A 257 12.09 20.85 -3.20
CA SER A 257 12.78 20.09 -2.21
C SER A 257 12.48 18.63 -2.44
N ARG A 258 13.44 17.77 -2.18
CA ARG A 258 13.24 16.36 -2.31
C ARG A 258 12.73 15.68 -1.07
N GLY A 259 12.01 14.60 -1.26
CA GLY A 259 11.47 13.85 -0.15
C GLY A 259 11.42 12.37 -0.47
N PHE A 260 10.93 11.60 0.49
CA PHE A 260 10.83 10.15 0.36
C PHE A 260 9.41 9.68 0.57
N GLY A 261 9.07 8.59 -0.12
CA GLY A 261 7.81 7.91 0.06
C GLY A 261 6.61 8.60 -0.54
N SER A 262 6.83 9.57 -1.42
CA SER A 262 5.72 10.33 -1.99
C SER A 262 5.24 9.62 -3.25
N GLY A 263 4.20 10.15 -3.87
CA GLY A 263 3.66 9.51 -5.05
C GLY A 263 2.56 10.36 -5.65
N ILE A 264 2.17 9.98 -6.85
CA ILE A 264 1.00 10.56 -7.50
C ILE A 264 -0.04 9.48 -7.65
N ILE A 265 -1.25 9.80 -7.24
CA ILE A 265 -2.37 8.90 -7.45
C ILE A 265 -3.49 9.71 -8.07
N THR A 266 -4.35 9.01 -8.76
CA THR A 266 -5.57 9.55 -9.33
C THR A 266 -6.71 9.05 -8.46
N SER A 267 -7.54 9.96 -7.95
CA SER A 267 -8.52 9.54 -6.95
C SER A 267 -9.79 10.36 -7.06
N ASN A 268 -10.90 9.69 -6.78
CA ASN A 268 -12.23 10.26 -6.77
C ASN A 268 -12.67 10.71 -5.39
N ALA A 269 -11.88 10.41 -4.36
CA ALA A 269 -12.29 10.65 -3.00
C ALA A 269 -11.96 12.08 -2.58
N SER A 270 -12.43 12.43 -1.40
CA SER A 270 -12.26 13.76 -0.85
C SER A 270 -11.34 13.74 0.36
N MET A 271 -10.76 14.91 0.60
CA MET A 271 -9.93 15.13 1.76
C MET A 271 -10.82 15.24 3.00
N HIS A 272 -10.41 14.58 4.07
CA HIS A 272 -11.12 14.61 5.34
C HIS A 272 -10.12 14.91 6.45
N GLU A 273 -10.64 15.27 7.62
CA GLU A 273 -9.80 15.38 8.81
C GLU A 273 -9.53 13.97 9.35
N CYS A 274 -8.50 13.35 8.80
CA CYS A 274 -8.09 12.01 9.23
C CYS A 274 -6.60 11.83 8.95
N ASN A 275 -5.99 10.86 9.61
CA ASN A 275 -4.58 10.56 9.43
C ASN A 275 -4.42 9.05 9.23
N THR A 276 -3.46 8.67 8.40
CA THR A 276 -3.19 7.28 8.13
C THR A 276 -1.69 7.07 7.91
N LYS A 277 -1.27 5.81 8.04
CA LYS A 277 0.04 5.39 7.59
C LYS A 277 0.02 4.80 6.19
N CYS A 278 -1.15 4.55 5.61
CA CYS A 278 -1.24 3.96 4.28
C CYS A 278 -2.43 4.50 3.52
N GLN A 279 -2.20 4.93 2.28
CA GLN A 279 -3.19 5.58 1.45
C GLN A 279 -3.32 4.82 0.14
N THR A 280 -4.54 4.60 -0.30
CA THR A 280 -4.81 4.09 -1.63
C THR A 280 -5.75 5.04 -2.35
N PRO A 281 -5.85 4.93 -3.67
CA PRO A 281 -6.82 5.77 -4.41
C PRO A 281 -8.26 5.57 -3.97
N LEU A 282 -8.60 4.46 -3.33
CA LEU A 282 -9.94 4.27 -2.83
C LEU A 282 -10.15 4.77 -1.41
N GLY A 283 -9.10 4.90 -0.62
CA GLY A 283 -9.25 5.26 0.77
C GLY A 283 -8.07 4.73 1.57
N ALA A 284 -8.05 5.14 2.82
CA ALA A 284 -6.93 4.82 3.69
C ALA A 284 -7.13 3.46 4.32
N ILE A 285 -6.04 2.72 4.45
CA ILE A 285 -6.02 1.44 5.15
C ILE A 285 -5.25 1.61 6.45
N ASN A 286 -5.68 0.93 7.49
CA ASN A 286 -4.70 0.77 8.54
C ASN A 286 -3.75 -0.37 8.15
N SER A 287 -2.56 -0.38 8.74
CA SER A 287 -1.56 -1.27 8.16
C SER A 287 -1.06 -2.33 9.12
N SER A 288 -1.95 -3.03 9.84
CA SER A 288 -1.47 -4.07 10.73
C SER A 288 -1.28 -5.42 10.02
N LEU A 289 -2.10 -5.73 9.04
CA LEU A 289 -2.01 -7.07 8.47
C LEU A 289 -0.99 -7.11 7.34
N PRO A 290 -0.43 -8.29 7.06
CA PRO A 290 0.60 -8.39 6.03
C PRO A 290 0.09 -8.27 4.58
N TYR A 291 -1.17 -8.53 4.31
CA TYR A 291 -1.66 -8.44 2.94
C TYR A 291 -2.90 -7.57 2.89
N GLN A 292 -3.14 -6.97 1.71
CA GLN A 292 -4.34 -6.19 1.45
C GLN A 292 -4.79 -6.47 0.04
N ASN A 293 -6.11 -6.48 -0.17
CA ASN A 293 -6.63 -6.68 -1.51
C ASN A 293 -7.42 -5.47 -2.00
N ILE A 294 -7.10 -4.27 -1.53
CA ILE A 294 -7.91 -3.09 -1.79
C ILE A 294 -7.42 -2.38 -3.05
N HIS A 295 -6.11 -2.21 -3.20
CA HIS A 295 -5.62 -1.55 -4.41
C HIS A 295 -4.14 -1.89 -4.58
N PRO A 296 -3.67 -2.02 -5.82
CA PRO A 296 -2.22 -2.18 -6.04
C PRO A 296 -1.42 -0.90 -5.85
N VAL A 297 -2.03 0.27 -5.95
CA VAL A 297 -1.33 1.53 -5.74
C VAL A 297 -1.42 1.89 -4.27
N THR A 298 -0.27 2.11 -3.63
CA THR A 298 -0.24 2.49 -2.22
C THR A 298 0.80 3.57 -1.98
N ILE A 299 0.54 4.43 -1.00
CA ILE A 299 1.53 5.37 -0.50
C ILE A 299 1.72 5.14 0.98
N GLY A 300 2.96 5.12 1.42
CA GLY A 300 3.25 4.96 2.83
C GLY A 300 3.59 3.55 3.26
N GLU A 301 3.38 3.21 4.52
CA GLU A 301 3.64 1.86 5.02
C GLU A 301 2.35 1.05 4.90
N CYS A 302 2.38 0.09 4.01
CA CYS A 302 1.19 -0.62 3.59
C CYS A 302 1.41 -2.12 3.59
N PRO A 303 0.37 -2.90 3.81
CA PRO A 303 0.45 -4.33 3.50
C PRO A 303 0.78 -4.57 2.03
N LYS A 304 1.06 -5.83 1.70
CA LYS A 304 1.36 -6.18 0.32
C LYS A 304 0.07 -6.53 -0.41
N TYR A 305 -0.05 -6.01 -1.60
CA TYR A 305 -1.24 -6.20 -2.39
C TYR A 305 -1.26 -7.59 -2.98
N VAL A 306 -2.41 -8.26 -2.85
CA VAL A 306 -2.62 -9.59 -3.44
C VAL A 306 -4.02 -9.65 -4.02
N ARG A 307 -4.23 -10.56 -4.96
CA ARG A 307 -5.55 -10.75 -5.57
C ARG A 307 -6.47 -11.61 -4.74
N SER A 308 -6.00 -12.15 -3.62
CA SER A 308 -6.77 -13.10 -2.84
C SER A 308 -8.04 -12.46 -2.30
N ALA A 309 -9.09 -13.24 -2.22
CA ALA A 309 -10.27 -12.82 -1.48
C ALA A 309 -10.24 -13.28 -0.03
N LYS A 310 -9.37 -14.22 0.32
CA LYS A 310 -9.35 -14.76 1.69
C LYS A 310 -7.95 -15.25 2.04
N LEU A 311 -7.46 -14.84 3.19
CA LEU A 311 -6.20 -15.35 3.73
C LEU A 311 -6.43 -15.48 5.24
N ARG A 312 -6.84 -16.66 5.67
CA ARG A 312 -7.13 -16.91 7.08
C ARG A 312 -6.31 -18.10 7.56
N MET A 313 -5.48 -17.85 8.58
CA MET A 313 -4.65 -18.86 9.24
C MET A 313 -5.41 -19.42 10.42
N VAL A 314 -5.42 -20.74 10.56
CA VAL A 314 -6.00 -21.33 11.75
C VAL A 314 -4.96 -21.33 12.85
N THR A 315 -5.36 -20.94 14.06
CA THR A 315 -4.58 -21.12 15.27
C THR A 315 -5.13 -22.18 16.19
N GLY A 316 -6.44 -22.31 16.31
CA GLY A 316 -7.06 -23.33 17.14
C GLY A 316 -7.21 -24.65 16.42
N LEU A 317 -8.24 -25.40 16.82
CA LEU A 317 -8.41 -26.79 16.46
C LEU A 317 -9.60 -26.97 15.53
N ARG A 318 -9.64 -28.12 14.88
CA ARG A 318 -10.86 -28.53 14.21
C ARG A 318 -12.00 -28.55 15.23
N ASN A 319 -13.03 -27.74 14.99
CA ASN A 319 -14.08 -27.47 15.97
C ASN A 319 -15.23 -28.46 15.80
N ILE A 320 -15.34 -29.41 16.74
CA ILE A 320 -16.33 -30.48 16.70
C ILE A 320 -17.16 -30.43 17.99
N PRO A 321 -18.25 -29.66 18.02
CA PRO A 321 -19.11 -29.64 19.22
C PRO A 321 -20.08 -30.81 19.33
N SER A 322 -20.13 -31.70 18.35
CA SER A 322 -21.07 -32.82 18.36
C SER A 322 -20.87 -33.71 19.59
N GLY B 1 -7.39 -36.95 10.96
CA GLY B 1 -6.09 -36.35 11.14
C GLY B 1 -4.97 -37.33 10.93
N LEU B 2 -3.75 -36.82 10.87
CA LEU B 2 -2.59 -37.67 10.62
C LEU B 2 -2.30 -38.58 11.81
N PHE B 3 -2.65 -38.17 13.01
CA PHE B 3 -2.28 -38.92 14.19
C PHE B 3 -3.45 -39.68 14.80
N GLY B 4 -4.61 -39.67 14.17
CA GLY B 4 -5.67 -40.56 14.57
C GLY B 4 -6.53 -40.09 15.72
N ALA B 5 -6.18 -38.99 16.37
CA ALA B 5 -6.87 -38.62 17.61
C ALA B 5 -8.06 -37.70 17.36
N ILE B 6 -7.81 -36.42 17.16
CA ILE B 6 -8.90 -35.49 16.90
C ILE B 6 -9.71 -35.99 15.72
N ALA B 7 -11.03 -36.04 15.89
CA ALA B 7 -11.96 -36.65 14.92
C ALA B 7 -11.59 -38.08 14.60
N GLY B 8 -10.88 -38.74 15.50
CA GLY B 8 -10.49 -40.10 15.28
C GLY B 8 -11.02 -40.98 16.38
N PHE B 9 -10.13 -41.56 17.18
CA PHE B 9 -10.63 -42.36 18.29
C PHE B 9 -11.07 -41.51 19.45
N ILE B 10 -11.06 -40.19 19.30
CA ILE B 10 -11.68 -39.25 20.22
C ILE B 10 -12.60 -38.40 19.35
N GLU B 11 -13.86 -38.83 19.22
CA GLU B 11 -14.70 -38.40 18.11
C GLU B 11 -14.94 -36.89 18.11
N GLY B 12 -15.01 -36.25 19.27
CA GLY B 12 -15.40 -34.86 19.32
C GLY B 12 -14.71 -34.11 20.42
N GLY B 13 -15.00 -32.80 20.49
CA GLY B 13 -14.41 -31.93 21.46
C GLY B 13 -15.39 -31.51 22.54
N TRP B 14 -14.84 -30.83 23.54
CA TRP B 14 -15.59 -30.49 24.75
C TRP B 14 -15.88 -29.00 24.79
N THR B 15 -17.13 -28.65 24.49
CA THR B 15 -17.59 -27.30 24.82
C THR B 15 -17.40 -27.01 26.30
N GLY B 16 -17.45 -28.05 27.13
CA GLY B 16 -17.31 -27.89 28.57
C GLY B 16 -15.93 -27.53 29.08
N MET B 17 -14.87 -27.84 28.35
CA MET B 17 -13.52 -27.42 28.74
C MET B 17 -13.29 -26.04 28.14
N ILE B 18 -13.38 -25.02 29.00
CA ILE B 18 -13.33 -23.63 28.57
C ILE B 18 -12.02 -22.96 28.88
N ASP B 19 -11.07 -23.65 29.50
CA ASP B 19 -9.85 -22.99 29.94
C ASP B 19 -8.59 -23.49 29.23
N GLY B 20 -8.72 -24.23 28.14
CA GLY B 20 -7.54 -24.68 27.43
C GLY B 20 -7.89 -25.53 26.23
N TRP B 21 -6.87 -25.79 25.42
CA TRP B 21 -7.03 -26.59 24.20
C TRP B 21 -7.05 -28.09 24.51
N TYR B 22 -6.18 -28.52 25.40
CA TYR B 22 -6.05 -29.93 25.75
C TYR B 22 -6.31 -30.11 27.23
N GLY B 23 -7.00 -31.20 27.56
CA GLY B 23 -7.26 -31.43 28.96
C GLY B 23 -7.85 -32.76 29.35
N TYR B 24 -8.65 -32.75 30.41
CA TYR B 24 -9.16 -33.95 31.03
C TYR B 24 -10.58 -33.72 31.51
N HIS B 25 -11.34 -34.82 31.55
CA HIS B 25 -12.59 -34.89 32.30
C HIS B 25 -12.52 -36.12 33.19
N HIS B 26 -12.92 -35.96 34.44
CA HIS B 26 -12.86 -37.04 35.42
C HIS B 26 -14.22 -37.26 36.05
N GLN B 27 -14.40 -38.46 36.60
CA GLN B 27 -15.64 -38.87 37.26
C GLN B 27 -15.29 -39.82 38.39
N ASN B 28 -15.44 -39.36 39.63
CA ASN B 28 -15.26 -40.21 40.80
C ASN B 28 -16.41 -39.93 41.76
N GLU B 29 -16.26 -40.40 43.00
CA GLU B 29 -17.32 -40.24 43.98
C GLU B 29 -17.50 -38.77 44.38
N GLN B 30 -16.40 -38.04 44.56
CA GLN B 30 -16.51 -36.65 44.97
C GLN B 30 -17.20 -35.79 43.93
N GLY B 31 -17.21 -36.20 42.68
CA GLY B 31 -17.92 -35.50 41.64
C GLY B 31 -17.24 -35.69 40.30
N SER B 32 -17.60 -34.83 39.36
CA SER B 32 -17.05 -34.87 38.01
C SER B 32 -16.74 -33.45 37.56
N GLY B 33 -15.94 -33.35 36.50
CA GLY B 33 -15.64 -32.05 35.95
C GLY B 33 -14.52 -32.10 34.94
N TYR B 34 -14.29 -30.95 34.33
CA TYR B 34 -13.26 -30.75 33.33
C TYR B 34 -12.09 -29.99 33.92
N ALA B 35 -10.89 -30.30 33.44
CA ALA B 35 -9.73 -29.50 33.77
C ALA B 35 -8.72 -29.60 32.63
N ALA B 36 -8.15 -28.46 32.23
CA ALA B 36 -7.24 -28.41 31.10
C ALA B 36 -5.79 -28.60 31.54
N ASP B 37 -5.00 -29.22 30.67
CA ASP B 37 -3.58 -29.46 30.93
C ASP B 37 -2.80 -28.26 30.44
N GLN B 38 -2.40 -27.40 31.36
CA GLN B 38 -1.80 -26.14 30.98
C GLN B 38 -0.43 -26.33 30.35
N LYS B 39 0.32 -27.35 30.77
CA LYS B 39 1.68 -27.46 30.26
C LYS B 39 1.68 -27.73 28.76
N SER B 40 0.76 -28.56 28.28
CA SER B 40 0.70 -28.84 26.86
C SER B 40 0.01 -27.72 26.10
N THR B 41 -1.01 -27.11 26.69
CA THR B 41 -1.64 -25.96 26.06
C THR B 41 -0.66 -24.84 25.86
N GLN B 42 0.11 -24.50 26.89
CA GLN B 42 1.05 -23.40 26.77
C GLN B 42 2.15 -23.69 25.77
N ASN B 43 2.57 -24.95 25.64
CA ASN B 43 3.52 -25.29 24.59
C ASN B 43 2.93 -25.04 23.22
N ALA B 44 1.68 -25.47 23.02
CA ALA B 44 1.07 -25.29 21.71
C ALA B 44 0.94 -23.83 21.37
N ILE B 45 0.42 -23.01 22.30
CA ILE B 45 0.31 -21.57 22.08
C ILE B 45 1.67 -20.98 21.72
N ASN B 46 2.72 -21.36 22.44
CA ASN B 46 4.03 -20.82 22.15
C ASN B 46 4.46 -21.16 20.73
N GLY B 47 4.12 -22.36 20.26
CA GLY B 47 4.53 -22.74 18.93
C GLY B 47 3.73 -22.02 17.87
N ILE B 48 2.43 -21.87 18.10
CA ILE B 48 1.59 -21.26 17.09
C ILE B 48 1.78 -19.76 17.06
N THR B 49 1.97 -19.16 18.23
CA THR B 49 2.39 -17.77 18.29
C THR B 49 3.63 -17.53 17.44
N ASN B 50 4.63 -18.40 17.56
CA ASN B 50 5.83 -18.25 16.74
C ASN B 50 5.51 -18.48 15.26
N LYS B 51 4.66 -19.45 14.95
CA LYS B 51 4.32 -19.69 13.56
C LYS B 51 3.67 -18.46 12.92
N VAL B 52 2.69 -17.87 13.63
CA VAL B 52 1.97 -16.71 13.11
C VAL B 52 2.89 -15.53 12.98
N ASN B 53 3.71 -15.29 13.98
CA ASN B 53 4.64 -14.17 13.91
C ASN B 53 5.67 -14.37 12.83
N THR B 54 6.07 -15.58 12.54
CA THR B 54 7.04 -15.73 11.51
C THR B 54 6.40 -15.48 10.18
N VAL B 55 5.15 -15.82 10.03
CA VAL B 55 4.48 -15.56 8.77
C VAL B 55 4.36 -14.09 8.54
N ILE B 56 4.07 -13.32 9.56
CA ILE B 56 3.99 -11.88 9.42
C ILE B 56 5.38 -11.28 9.22
N GLU B 57 6.40 -11.84 9.88
CA GLU B 57 7.73 -11.24 9.83
C GLU B 57 8.39 -11.39 8.47
N LYS B 58 8.19 -12.51 7.79
CA LYS B 58 8.78 -12.67 6.48
C LYS B 58 8.21 -11.67 5.48
N MET B 59 7.05 -11.10 5.76
CA MET B 59 6.47 -10.11 4.86
C MET B 59 6.92 -8.72 5.27
N ASN B 60 7.88 -8.19 4.51
CA ASN B 60 8.35 -6.85 4.78
C ASN B 60 7.25 -5.84 4.54
N ILE B 61 7.38 -4.70 5.20
CA ILE B 61 6.52 -3.56 4.91
C ILE B 61 6.62 -3.24 3.43
N GLN B 62 5.48 -2.93 2.82
CA GLN B 62 5.43 -2.48 1.43
C GLN B 62 5.48 -0.96 1.41
N PHE B 63 6.61 -0.40 0.96
CA PHE B 63 6.75 1.04 0.84
C PHE B 63 6.09 1.52 -0.45
N THR B 64 6.20 2.82 -0.70
CA THR B 64 5.40 3.44 -1.75
C THR B 64 5.64 2.76 -3.10
N ALA B 65 4.53 2.51 -3.81
CA ALA B 65 4.58 1.84 -5.11
C ALA B 65 3.43 2.36 -5.97
N VAL B 66 3.75 3.26 -6.90
CA VAL B 66 2.74 3.88 -7.74
C VAL B 66 3.10 3.68 -9.20
N GLY B 67 2.08 3.83 -10.03
CA GLY B 67 2.26 3.69 -11.46
C GLY B 67 3.16 4.75 -12.05
N LYS B 68 3.60 4.47 -13.26
CA LYS B 68 4.30 5.43 -14.09
C LYS B 68 3.43 5.71 -15.30
N GLU B 69 3.80 6.72 -16.06
CA GLU B 69 3.13 7.00 -17.31
C GLU B 69 4.15 6.95 -18.45
N PHE B 70 3.63 6.79 -19.67
CA PHE B 70 4.41 6.58 -20.88
C PHE B 70 3.72 7.29 -22.01
N ASN B 71 4.49 7.77 -22.99
CA ASN B 71 3.81 8.41 -24.09
C ASN B 71 3.52 7.38 -25.19
N LYS B 72 2.88 7.87 -26.26
CA LYS B 72 2.35 7.00 -27.30
C LYS B 72 3.45 6.30 -28.07
N LEU B 73 4.71 6.75 -27.95
CA LEU B 73 5.84 6.08 -28.57
C LEU B 73 6.67 5.30 -27.55
N GLU B 74 6.08 4.91 -26.43
CA GLU B 74 6.80 4.11 -25.44
C GLU B 74 5.98 2.91 -25.00
N LYS B 75 5.30 2.26 -25.94
CA LYS B 75 4.44 1.13 -25.63
C LYS B 75 5.23 -0.04 -25.12
N ARG B 76 6.38 -0.32 -25.75
CA ARG B 76 7.21 -1.44 -25.31
C ARG B 76 7.66 -1.26 -23.87
N MET B 77 8.00 -0.04 -23.48
CA MET B 77 8.38 0.20 -22.10
C MET B 77 7.18 0.09 -21.18
N GLU B 78 6.01 0.54 -21.65
CA GLU B 78 4.80 0.42 -20.85
C GLU B 78 4.38 -1.04 -20.68
N ASN B 79 4.56 -1.86 -21.71
CA ASN B 79 4.23 -3.28 -21.56
C ASN B 79 5.25 -4.00 -20.70
N LEU B 80 6.54 -3.68 -20.82
CA LEU B 80 7.49 -4.24 -19.88
C LEU B 80 7.12 -3.89 -18.45
N ASN B 81 6.79 -2.62 -18.21
CA ASN B 81 6.44 -2.20 -16.87
C ASN B 81 5.17 -2.85 -16.36
N LYS B 82 4.28 -3.22 -17.26
CA LYS B 82 3.11 -3.89 -16.83
C LYS B 82 3.41 -5.34 -16.55
N LYS B 83 4.32 -5.92 -17.28
CA LYS B 83 4.73 -7.27 -17.10
C LYS B 83 5.40 -7.45 -15.78
N VAL B 84 6.11 -6.44 -15.32
CA VAL B 84 6.80 -6.52 -14.04
C VAL B 84 5.80 -6.38 -12.90
N ASP B 85 4.80 -5.52 -13.03
CA ASP B 85 3.81 -5.42 -11.98
C ASP B 85 2.99 -6.69 -11.88
N ASP B 86 2.53 -7.23 -13.01
CA ASP B 86 1.74 -8.45 -12.99
C ASP B 86 2.55 -9.64 -12.48
N GLY B 87 3.82 -9.72 -12.87
CA GLY B 87 4.63 -10.86 -12.50
C GLY B 87 4.86 -10.97 -11.02
N PHE B 88 5.16 -9.85 -10.40
CA PHE B 88 5.37 -9.84 -8.95
C PHE B 88 4.07 -10.09 -8.22
N LEU B 89 2.97 -9.58 -8.77
CA LEU B 89 1.69 -9.85 -8.15
C LEU B 89 1.27 -11.30 -8.31
N ASP B 90 1.55 -11.91 -9.47
CA ASP B 90 1.27 -13.33 -9.64
C ASP B 90 1.97 -14.13 -8.58
N ILE B 91 3.22 -13.78 -8.32
CA ILE B 91 4.06 -14.58 -7.45
C ILE B 91 3.65 -14.41 -6.00
N TRP B 92 3.32 -13.18 -5.58
CA TRP B 92 2.97 -12.95 -4.19
C TRP B 92 1.57 -13.43 -3.85
N THR B 93 0.63 -13.38 -4.79
CA THR B 93 -0.66 -14.00 -4.59
C THR B 93 -0.49 -15.51 -4.38
N TYR B 94 0.37 -16.12 -5.18
CA TYR B 94 0.64 -17.55 -5.11
C TYR B 94 1.35 -17.90 -3.81
N ASN B 95 2.37 -17.14 -3.45
CA ASN B 95 3.12 -17.41 -2.22
C ASN B 95 2.20 -17.36 -1.01
N ALA B 96 1.35 -16.34 -0.94
CA ALA B 96 0.51 -16.13 0.23
C ALA B 96 -0.53 -17.22 0.37
N GLU B 97 -1.24 -17.54 -0.69
CA GLU B 97 -2.28 -18.55 -0.62
C GLU B 97 -1.68 -19.91 -0.29
N LEU B 98 -0.54 -20.24 -0.88
CA LEU B 98 0.07 -21.53 -0.64
C LEU B 98 0.61 -21.64 0.78
N LEU B 99 1.30 -20.61 1.26
CA LEU B 99 1.88 -20.68 2.59
C LEU B 99 0.81 -20.90 3.64
N VAL B 100 -0.39 -20.38 3.43
CA VAL B 100 -1.41 -20.47 4.44
C VAL B 100 -2.04 -21.86 4.42
N LEU B 101 -2.37 -22.36 3.23
CA LEU B 101 -2.77 -23.75 3.11
C LEU B 101 -1.77 -24.69 3.78
N LEU B 102 -0.50 -24.62 3.38
CA LEU B 102 0.51 -25.52 3.93
C LEU B 102 0.63 -25.39 5.43
N GLU B 103 0.49 -24.18 5.97
CA GLU B 103 0.62 -24.04 7.40
C GLU B 103 -0.66 -24.44 8.11
N ASN B 104 -1.79 -24.32 7.43
CA ASN B 104 -3.04 -24.74 8.04
C ASN B 104 -3.06 -26.25 8.20
N GLU B 105 -2.62 -26.96 7.16
CA GLU B 105 -2.48 -28.41 7.27
C GLU B 105 -1.62 -28.77 8.48
N ARG B 106 -0.42 -28.20 8.55
CA ARG B 106 0.51 -28.58 9.61
C ARG B 106 0.03 -28.14 10.98
N THR B 107 -0.84 -27.15 11.02
CA THR B 107 -1.30 -26.66 12.31
C THR B 107 -2.37 -27.57 12.89
N LEU B 108 -3.25 -28.09 12.03
CA LEU B 108 -4.21 -29.08 12.49
C LEU B 108 -3.51 -30.36 12.91
N ASP B 109 -2.57 -30.84 12.09
CA ASP B 109 -1.83 -32.03 12.44
C ASP B 109 -1.06 -31.83 13.73
N PHE B 110 -0.59 -30.61 13.99
CA PHE B 110 0.15 -30.36 15.22
C PHE B 110 -0.74 -30.51 16.44
N HIS B 111 -1.99 -30.05 16.36
CA HIS B 111 -2.95 -30.28 17.44
C HIS B 111 -3.24 -31.76 17.60
N ASP B 112 -3.55 -32.44 16.51
CA ASP B 112 -3.84 -33.86 16.59
C ASP B 112 -2.70 -34.62 17.26
N SER B 113 -1.46 -34.29 16.92
CA SER B 113 -0.29 -34.87 17.59
C SER B 113 -0.30 -34.58 19.08
N ASN B 114 -0.63 -33.35 19.48
CA ASN B 114 -0.55 -32.98 20.88
C ASN B 114 -1.57 -33.74 21.72
N VAL B 115 -2.78 -33.91 21.20
CA VAL B 115 -3.79 -34.70 21.89
C VAL B 115 -3.30 -36.12 22.11
N LYS B 116 -2.85 -36.78 21.04
CA LYS B 116 -2.37 -38.14 21.16
C LYS B 116 -1.19 -38.26 22.11
N ASN B 117 -0.24 -37.32 22.04
CA ASN B 117 0.90 -37.38 22.97
C ASN B 117 0.42 -37.35 24.42
N LEU B 118 -0.60 -36.53 24.70
CA LEU B 118 -1.15 -36.47 26.04
C LEU B 118 -1.82 -37.77 26.42
N TYR B 119 -2.59 -38.35 25.48
CA TYR B 119 -3.25 -39.61 25.73
C TYR B 119 -2.24 -40.70 26.07
N GLU B 120 -1.19 -40.83 25.25
CA GLU B 120 -0.16 -41.82 25.52
C GLU B 120 0.62 -41.50 26.78
N LYS B 121 0.71 -40.24 27.15
CA LYS B 121 1.41 -39.89 28.38
C LYS B 121 0.63 -40.38 29.60
N VAL B 122 -0.69 -40.33 29.51
CA VAL B 122 -1.54 -40.83 30.57
C VAL B 122 -1.55 -42.35 30.58
N LYS B 123 -1.74 -42.95 29.40
CA LYS B 123 -1.79 -44.41 29.33
C LYS B 123 -0.56 -45.04 29.95
N SER B 124 0.63 -44.50 29.68
CA SER B 124 1.84 -45.10 30.21
C SER B 124 2.00 -44.85 31.70
N GLN B 125 1.33 -43.83 32.24
CA GLN B 125 1.35 -43.59 33.67
C GLN B 125 0.51 -44.62 34.42
N LEU B 126 -0.63 -45.02 33.82
CA LEU B 126 -1.57 -45.88 34.53
C LEU B 126 -1.23 -47.35 34.37
N LYS B 127 -0.72 -47.76 33.20
CA LYS B 127 -0.35 -49.15 32.92
C LYS B 127 -1.61 -49.99 33.10
N ASN B 128 -1.58 -51.04 33.91
CA ASN B 128 -2.72 -51.96 34.03
C ASN B 128 -3.58 -51.67 35.24
N ASN B 129 -3.34 -50.56 35.94
CA ASN B 129 -4.25 -50.14 36.99
C ASN B 129 -5.56 -49.60 36.46
N ALA B 130 -5.71 -49.51 35.14
CA ALA B 130 -6.94 -49.03 34.53
C ALA B 130 -7.09 -49.68 33.17
N LYS B 131 -8.26 -49.51 32.55
CA LYS B 131 -8.53 -50.11 31.25
C LYS B 131 -9.03 -49.06 30.27
N GLU B 132 -8.50 -49.14 29.05
CA GLU B 132 -8.93 -48.25 27.97
C GLU B 132 -10.34 -48.64 27.54
N ILE B 133 -11.31 -47.78 27.81
CA ILE B 133 -12.69 -48.08 27.44
C ILE B 133 -13.01 -47.38 26.14
N GLY B 134 -11.98 -47.07 25.36
CA GLY B 134 -12.16 -46.39 24.09
C GLY B 134 -12.52 -44.93 24.29
N ASN B 135 -12.65 -44.24 23.16
CA ASN B 135 -13.04 -42.83 23.12
C ASN B 135 -12.12 -41.94 23.95
N GLY B 136 -10.92 -42.42 24.25
CA GLY B 136 -9.98 -41.62 25.00
C GLY B 136 -10.18 -41.59 26.49
N CYS B 137 -10.93 -42.54 27.04
CA CYS B 137 -11.16 -42.60 28.47
C CYS B 137 -10.49 -43.84 29.07
N PHE B 138 -10.25 -43.77 30.37
CA PHE B 138 -9.75 -44.90 31.15
C PHE B 138 -10.69 -45.14 32.33
N GLU B 139 -10.94 -46.41 32.64
CA GLU B 139 -11.70 -46.80 33.82
C GLU B 139 -10.73 -47.40 34.83
N PHE B 140 -10.70 -46.83 36.02
CA PHE B 140 -9.78 -47.27 37.06
C PHE B 140 -10.22 -48.58 37.69
N TYR B 141 -9.27 -49.49 37.89
CA TYR B 141 -9.49 -50.67 38.70
C TYR B 141 -9.36 -50.38 40.18
N HIS B 142 -9.44 -49.12 40.59
CA HIS B 142 -9.38 -48.76 41.99
C HIS B 142 -10.13 -47.44 42.17
N LYS B 143 -10.26 -47.03 43.43
CA LYS B 143 -10.87 -45.75 43.75
C LYS B 143 -9.85 -44.64 43.55
N CYS B 144 -10.21 -43.63 42.77
CA CYS B 144 -9.32 -42.52 42.49
C CYS B 144 -10.02 -41.23 42.91
N ASP B 145 -9.61 -40.67 44.04
CA ASP B 145 -10.24 -39.46 44.56
C ASP B 145 -9.60 -38.24 43.88
N ASN B 146 -9.99 -37.04 44.33
CA ASN B 146 -9.48 -35.82 43.71
C ASN B 146 -7.96 -35.74 43.78
N GLU B 147 -7.38 -36.15 44.91
CA GLU B 147 -5.93 -36.13 45.04
C GLU B 147 -5.28 -37.11 44.06
N CYS B 148 -5.92 -38.26 43.84
CA CYS B 148 -5.39 -39.22 42.86
C CYS B 148 -5.52 -38.68 41.44
N MET B 149 -6.69 -38.12 41.10
CA MET B 149 -6.87 -37.55 39.77
C MET B 149 -5.87 -36.42 39.52
N GLU B 150 -5.64 -35.58 40.51
CA GLU B 150 -4.66 -34.51 40.37
C GLU B 150 -3.26 -35.06 40.15
N SER B 151 -2.94 -36.24 40.70
CA SER B 151 -1.61 -36.82 40.48
C SER B 151 -1.45 -37.31 39.05
N VAL B 152 -2.54 -37.82 38.45
CA VAL B 152 -2.49 -38.19 37.04
C VAL B 152 -2.32 -36.95 36.18
N ARG B 153 -3.05 -35.87 36.51
CA ARG B 153 -3.03 -34.69 35.67
C ARG B 153 -1.65 -34.02 35.65
N ASN B 154 -0.97 -33.96 36.80
CA ASN B 154 0.33 -33.30 36.87
C ASN B 154 1.49 -34.30 36.83
N GLY B 155 1.23 -35.52 36.35
CA GLY B 155 2.30 -36.41 35.99
C GLY B 155 3.01 -37.09 37.13
N THR B 156 2.36 -37.28 38.28
CA THR B 156 2.99 -37.89 39.44
C THR B 156 2.22 -39.09 39.96
N TYR B 157 1.51 -39.79 39.07
CA TYR B 157 0.68 -40.91 39.49
C TYR B 157 1.52 -42.03 40.09
N ASP B 158 1.06 -42.55 41.22
CA ASP B 158 1.79 -43.55 41.99
C ASP B 158 1.23 -44.94 41.66
N TYR B 159 1.89 -45.63 40.74
CA TYR B 159 1.39 -46.94 40.30
C TYR B 159 1.43 -47.98 41.40
N PRO B 160 2.54 -48.16 42.15
CA PRO B 160 2.52 -49.19 43.21
C PRO B 160 1.47 -48.95 44.28
N LYS B 161 1.17 -47.69 44.60
CA LYS B 161 0.26 -47.36 45.69
C LYS B 161 -1.12 -47.99 45.48
N TYR B 162 -1.56 -48.14 44.23
CA TYR B 162 -2.86 -48.74 43.93
C TYR B 162 -2.72 -50.08 43.22
N SER B 163 -1.50 -50.61 43.08
CA SER B 163 -1.32 -51.79 42.25
C SER B 163 -2.04 -53.00 42.83
N GLU B 164 -2.00 -53.14 44.15
CA GLU B 164 -2.64 -54.29 44.81
C GLU B 164 -4.15 -54.25 44.60
N GLU B 165 -4.78 -53.15 45.02
CA GLU B 165 -6.22 -52.98 44.86
C GLU B 165 -6.64 -53.19 43.41
N SER B 166 -5.81 -52.73 42.47
CA SER B 166 -6.15 -52.89 41.07
C SER B 166 -6.04 -54.36 40.64
N LYS B 167 -4.95 -55.02 41.02
CA LYS B 167 -4.82 -56.46 40.76
C LYS B 167 -6.05 -57.22 41.25
N LEU B 168 -6.56 -56.86 42.43
CA LEU B 168 -7.71 -57.56 42.98
C LEU B 168 -8.96 -57.34 42.13
N ASN B 169 -9.29 -56.07 41.86
CA ASN B 169 -10.47 -55.80 41.04
C ASN B 169 -10.29 -56.34 39.63
N ARG B 170 -9.05 -56.31 39.12
CA ARG B 170 -8.80 -56.91 37.81
C ARG B 170 -8.96 -58.42 37.85
N GLU B 171 -8.56 -59.04 38.95
CA GLU B 171 -8.65 -60.48 39.17
C GLU B 171 -8.11 -61.27 37.97
C ACE C 1 3.61 -9.21 18.46
O ACE C 1 2.88 -8.22 18.31
CH3 ACE C 1 5.13 -9.09 18.50
C PH8 C 2 1.53 -11.78 19.74
N PH8 C 2 3.16 -10.46 18.60
O PH8 C 2 2.46 -12.45 20.16
CA PH8 C 2 1.73 -10.78 18.61
CB PH8 C 2 1.39 -11.44 17.31
CG PH8 C 2 -1.68 -11.55 15.50
CI PH8 C 2 0.02 -11.00 16.92
CJ PH8 C 2 -0.69 -12.14 16.24
CZ PH8 C 2 -3.67 -10.32 14.05
CD1 PH8 C 2 -3.00 -11.98 15.65
CD2 PH8 C 2 -1.36 -10.50 14.65
CE1 PH8 C 2 -4.00 -11.37 14.91
CE2 PH8 C 2 -2.36 -9.89 13.92
N ORN C 3 0.30 -11.85 20.25
CA ORN C 3 0.02 -12.76 21.36
CB ORN C 3 -0.19 -11.93 22.63
CG ORN C 3 0.93 -10.94 22.79
CD ORN C 3 0.70 -10.08 24.00
NE ORN C 3 0.77 -10.91 25.21
C ORN C 3 -1.13 -13.52 21.19
O ORN C 3 -2.16 -13.06 20.73
N MLE C 4 -1.14 -14.79 21.58
CN MLE C 4 0.05 -15.45 22.17
CA MLE C 4 -2.41 -15.50 21.43
CB MLE C 4 -2.22 -16.91 20.89
CG MLE C 4 -1.69 -16.86 19.45
CD1 MLE C 4 -1.79 -18.26 18.87
CD2 MLE C 4 -2.54 -15.92 18.61
C MLE C 4 -2.90 -15.54 22.72
O MLE C 4 -2.64 -16.48 23.47
N GLU C 5 -3.64 -14.47 23.22
CA GLU C 5 -4.13 -14.53 24.62
C GLU C 5 -5.42 -15.04 24.58
N TYR C 6 -5.59 -16.41 24.53
CA TYR C 6 -6.95 -16.99 24.43
C TYR C 6 -7.49 -17.20 25.69
N ZCL C 7 -6.66 -17.35 26.81
O ZCL C 7 -5.17 -16.51 28.60
CLZ ZCL C 7 -9.28 -22.70 24.64
CE2 ZCL C 7 -9.47 -21.02 26.78
CE1 ZCL C 7 -7.30 -21.34 25.80
CLE1 ZCL C 7 -6.33 -22.09 24.58
CD2 ZCL C 7 -8.92 -20.16 27.73
CD1 ZCL C 7 -6.75 -20.49 26.74
CB ZCL C 7 -6.99 -19.03 28.64
C ZCL C 7 -6.31 -16.76 29.00
CZ ZCL C 7 -8.66 -21.61 25.82
CG ZCL C 7 -7.56 -19.89 27.71
CA ZCL C 7 -7.13 -17.56 28.21
N GLU C 8 -6.71 -16.20 30.23
CA GLU C 8 -5.83 -15.26 31.03
C GLU C 8 -4.69 -15.84 31.58
N TRP C 9 -4.68 -17.19 31.89
CA TRP C 9 -3.43 -17.74 32.45
C TRP C 9 -2.43 -17.85 31.50
N LEU C 10 -2.72 -17.67 30.12
CA LEU C 10 -1.59 -17.74 29.17
C LEU C 10 -0.85 -16.61 29.41
N SER C 11 0.52 -16.66 29.21
CA SER C 11 1.26 -15.44 29.52
C SER C 11 1.18 -14.60 28.43
N 9WV C 12 2.31 -14.37 27.65
CB 9WV C 12 2.18 -13.47 26.49
CA 9WV C 12 2.00 -12.01 26.89
NDV 9WV C 12 0.70 -11.82 27.55
CEG 9WV C 12 0.50 -10.95 28.56
OEK 9WV C 12 -0.58 -10.77 29.12
CEH 9WV C 12 1.75 -10.16 28.97
CEI 9WV C 12 1.77 -8.84 28.20
NEJ 9WV C 12 3.13 -8.29 28.13
C 9WV C 12 2.01 -11.25 25.76
O 9WV C 12 3.06 -10.87 25.24
C1 NAG D . -18.40 -24.24 4.91
C2 NAG D . -19.61 -24.26 3.99
C3 NAG D . -20.74 -23.45 4.61
C4 NAG D . -21.04 -23.94 6.03
C5 NAG D . -19.77 -23.99 6.87
C6 NAG D . -19.97 -24.65 8.21
C7 NAG D . -18.79 -24.53 1.70
C8 NAG D . -18.48 -23.85 0.39
N2 NAG D . -19.27 -23.75 2.67
O3 NAG D . -21.91 -23.55 3.80
O4 NAG D . -21.97 -23.05 6.65
O5 NAG D . -18.76 -24.74 6.18
O6 NAG D . -20.57 -25.93 8.08
O7 NAG D . -18.59 -25.74 1.86
C1 NAG D . -23.11 -23.78 7.12
C2 NAG D . -23.93 -22.85 8.00
C3 NAG D . -25.12 -23.59 8.57
C4 NAG D . -25.95 -24.18 7.45
C5 NAG D . -25.08 -25.03 6.52
C6 NAG D . -25.82 -25.46 5.27
C7 NAG D . -23.06 -20.96 9.29
C8 NAG D . -22.18 -20.53 10.40
N2 NAG D . -23.12 -22.27 9.05
O3 NAG D . -25.90 -22.68 9.34
O4 NAG D . -26.99 -24.99 7.98
O5 NAG D . -23.94 -24.29 6.08
O6 NAG D . -26.46 -24.35 4.67
O7 NAG D . -23.70 -20.16 8.61
C1 NAG E . -20.05 -17.34 21.54
C2 NAG E . -20.43 -16.15 20.64
C3 NAG E . -20.24 -14.84 21.40
C4 NAG E . -20.99 -14.87 22.73
C5 NAG E . -20.59 -16.10 23.53
C6 NAG E . -21.41 -16.27 24.78
C7 NAG E . -20.22 -16.17 18.20
C8 NAG E . -19.27 -16.18 17.04
N2 NAG E . -19.65 -16.15 19.41
O3 NAG E . -20.72 -13.76 20.59
O4 NAG E . -20.66 -13.72 23.50
O5 NAG E . -20.79 -17.29 22.74
O6 NAG E . -20.63 -16.81 25.83
O7 NAG E . -21.44 -16.18 18.05
C1 NAG F . -15.00 7.65 -9.38
C2 NAG F . -16.52 7.56 -9.63
C3 NAG F . -16.89 6.28 -10.39
C4 NAG F . -16.10 6.18 -11.67
C5 NAG F . -14.62 6.15 -11.30
C6 NAG F . -13.70 6.05 -12.50
C7 NAG F . -18.45 8.23 -8.31
C8 NAG F . -19.08 8.25 -6.95
N2 NAG F . -17.25 7.65 -8.39
O3 NAG F . -18.29 6.33 -10.68
O4 NAG F . -16.45 5.01 -12.38
O5 NAG F . -14.28 7.37 -10.61
O6 NAG F . -12.71 5.04 -12.29
O7 NAG F . -19.02 8.69 -9.30
C1 GOL G . -6.81 4.42 8.23
O1 GOL G . -8.11 3.93 7.98
C2 GOL G . -6.77 5.04 9.63
O2 GOL G . -6.85 6.44 9.54
C3 GOL G . -5.47 4.58 10.28
O3 GOL G . -5.61 4.49 11.68
C1 GOL H . -8.42 24.56 -20.20
O1 GOL H . -7.20 24.70 -19.50
C2 GOL H . -8.46 23.10 -20.64
O2 GOL H . -9.36 22.86 -21.70
C3 GOL H . -7.04 22.68 -21.01
O3 GOL H . -7.09 21.35 -21.46
CL CL I . 5.30 -29.50 5.07
#